data_6UPJ
#
_entry.id   6UPJ
#
_cell.length_a   33.889
_cell.length_b   45.675
_cell.length_c   134.574
_cell.angle_alpha   90.00
_cell.angle_beta   90.00
_cell.angle_gamma   90.00
#
_symmetry.space_group_name_H-M   'P 21 21 21'
#
loop_
_entity.id
_entity.type
_entity.pdbx_description
1 polymer 'HIV-2 PROTEASE'
2 non-polymer 6,7,8,9-TETRAHYDRO-4-HYDROXY-3-(1-PHENYLPROPYL)CYCLOHEPTA[B]PYRAN-2-ONE
3 water water
#
_entity_poly.entity_id   1
_entity_poly.type   'polypeptide(L)'
_entity_poly.pdbx_seq_one_letter_code
;PQFSLWKRPVVTAYIEGQPVEVLLDTGADDSIVAGIELGNNYSPKIVGGIGGFINTLEYKNVEIEVLNKKVRATIMTGDT
PINIFGRNILTALGMSLNL
;
_entity_poly.pdbx_strand_id   A,B
#
loop_
_chem_comp.id
_chem_comp.type
_chem_comp.name
_chem_comp.formula
NIU non-polymer 6,7,8,9-TETRAHYDRO-4-HYDROXY-3-(1-PHENYLPROPYL)CYCLOHEPTA[B]PYRAN-2-ONE 'C19 H22 O3'
#
# COMPACT_ATOMS: atom_id res chain seq x y z
N PRO A 1 -11.05 15.06 -4.70
CA PRO A 1 -11.08 15.14 -3.21
C PRO A 1 -9.72 14.92 -2.60
N GLN A 2 -9.65 15.09 -1.29
CA GLN A 2 -8.42 14.95 -0.54
C GLN A 2 -8.57 13.94 0.59
N PHE A 3 -7.64 13.00 0.63
CA PHE A 3 -7.62 11.97 1.64
C PHE A 3 -6.50 12.31 2.60
N SER A 4 -6.85 12.71 3.81
CA SER A 4 -5.89 13.09 4.84
C SER A 4 -5.02 11.99 5.44
N LEU A 5 -5.27 10.75 5.05
CA LEU A 5 -4.50 9.62 5.53
C LEU A 5 -4.50 9.41 7.04
N TRP A 6 -5.32 10.16 7.77
CA TRP A 6 -5.37 9.96 9.21
C TRP A 6 -6.12 8.65 9.51
N LYS A 7 -6.92 8.22 8.55
CA LYS A 7 -7.67 6.97 8.64
C LYS A 7 -7.57 6.30 7.26
N ARG A 8 -7.85 5.00 7.19
CA ARG A 8 -7.74 4.25 5.93
C ARG A 8 -8.58 4.83 4.82
N PRO A 9 -7.93 5.14 3.68
CA PRO A 9 -8.63 5.70 2.52
C PRO A 9 -9.51 4.64 1.88
N VAL A 10 -10.68 4.41 2.49
CA VAL A 10 -11.62 3.41 1.97
C VAL A 10 -12.70 4.10 1.14
N VAL A 11 -13.32 3.33 0.24
CA VAL A 11 -14.34 3.87 -0.66
C VAL A 11 -15.10 2.75 -1.38
N THR A 12 -16.19 3.11 -2.02
CA THR A 12 -17.05 2.17 -2.73
C THR A 12 -16.79 2.18 -4.24
N ALA A 13 -16.67 1.00 -4.82
CA ALA A 13 -16.45 0.83 -6.26
C ALA A 13 -17.45 -0.19 -6.80
N TYR A 14 -17.75 -0.14 -8.08
CA TYR A 14 -18.65 -1.12 -8.66
C TYR A 14 -17.90 -1.83 -9.74
N ILE A 15 -17.68 -3.12 -9.55
CA ILE A 15 -16.99 -3.98 -10.50
C ILE A 15 -18.13 -4.53 -11.35
N GLU A 16 -18.22 -4.07 -12.59
CA GLU A 16 -19.26 -4.49 -13.52
C GLU A 16 -20.66 -4.41 -12.87
N GLY A 17 -20.88 -3.37 -12.07
CA GLY A 17 -22.17 -3.18 -11.44
C GLY A 17 -22.30 -3.63 -10.00
N GLN A 18 -21.29 -4.36 -9.52
CA GLN A 18 -21.29 -4.91 -8.15
C GLN A 18 -20.57 -4.02 -7.18
N PRO A 19 -21.28 -3.54 -6.14
CA PRO A 19 -20.63 -2.68 -5.15
C PRO A 19 -19.72 -3.39 -4.14
N VAL A 20 -18.50 -2.90 -3.97
CA VAL A 20 -17.57 -3.49 -3.02
C VAL A 20 -16.79 -2.33 -2.35
N GLU A 21 -16.22 -2.59 -1.17
CA GLU A 21 -15.45 -1.59 -0.43
C GLU A 21 -13.98 -1.89 -0.66
N VAL A 22 -13.17 -0.87 -0.96
CA VAL A 22 -11.75 -1.07 -1.22
C VAL A 22 -10.90 0.03 -0.60
N LEU A 23 -9.66 -0.29 -0.32
CA LEU A 23 -8.67 0.61 0.24
C LEU A 23 -7.67 0.94 -0.87
N LEU A 24 -7.51 2.24 -1.14
CA LEU A 24 -6.58 2.73 -2.18
C LEU A 24 -5.14 2.52 -1.72
N ASP A 25 -4.42 1.63 -2.39
CA ASP A 25 -3.04 1.26 -2.02
C ASP A 25 -1.97 1.79 -3.01
N THR A 26 -1.17 2.77 -2.59
CA THR A 26 -0.13 3.32 -3.47
C THR A 26 1.15 2.51 -3.55
N GLY A 27 1.24 1.40 -2.81
CA GLY A 27 2.45 0.60 -2.87
C GLY A 27 2.33 -0.64 -3.73
N ALA A 28 1.10 -1.00 -4.07
CA ALA A 28 0.80 -2.17 -4.88
C ALA A 28 0.78 -1.82 -6.36
N ASP A 29 1.18 -2.76 -7.20
CA ASP A 29 1.21 -2.54 -8.64
C ASP A 29 -0.08 -2.95 -9.32
N ASP A 30 -0.77 -3.91 -8.72
CA ASP A 30 -2.03 -4.45 -9.26
C ASP A 30 -3.22 -4.26 -8.32
N SER A 31 -4.37 -4.81 -8.70
CA SER A 31 -5.61 -4.74 -7.91
C SER A 31 -6.22 -6.12 -7.61
N ILE A 32 -6.54 -6.38 -6.33
CA ILE A 32 -7.13 -7.66 -5.89
C ILE A 32 -8.42 -7.42 -5.08
N VAL A 33 -9.46 -8.19 -5.41
CA VAL A 33 -10.76 -8.10 -4.73
C VAL A 33 -11.36 -9.50 -4.46
N ALA A 34 -12.01 -9.67 -3.33
CA ALA A 34 -12.62 -10.97 -3.03
C ALA A 34 -14.13 -10.88 -3.16
N GLY A 35 -14.75 -12.00 -3.45
CA GLY A 35 -16.19 -12.02 -3.57
C GLY A 35 -16.75 -11.63 -4.92
N ILE A 36 -15.96 -11.64 -5.98
CA ILE A 36 -16.55 -11.30 -7.28
C ILE A 36 -16.36 -12.35 -8.39
N GLU A 37 -17.39 -12.46 -9.22
CA GLU A 37 -17.45 -13.40 -10.31
C GLU A 37 -17.64 -12.59 -11.58
N LEU A 38 -16.92 -12.91 -12.65
CA LEU A 38 -17.05 -12.15 -13.90
C LEU A 38 -17.05 -13.00 -15.16
N GLY A 39 -17.55 -12.42 -16.25
CA GLY A 39 -17.59 -13.13 -17.52
C GLY A 39 -16.47 -12.77 -18.49
N ASN A 40 -15.58 -11.87 -18.12
CA ASN A 40 -14.49 -11.48 -19.02
C ASN A 40 -13.53 -12.66 -19.14
N ASN A 41 -12.56 -12.53 -20.02
CA ASN A 41 -11.57 -13.61 -20.17
C ASN A 41 -10.66 -13.54 -18.96
N TYR A 42 -9.95 -14.62 -18.68
CA TYR A 42 -9.03 -14.63 -17.55
C TYR A 42 -7.95 -15.68 -17.73
N SER A 43 -7.06 -15.74 -16.76
CA SER A 43 -5.97 -16.71 -16.74
C SER A 43 -5.58 -16.81 -15.27
N PRO A 44 -5.21 -18.02 -14.79
CA PRO A 44 -4.80 -18.27 -13.40
C PRO A 44 -3.49 -17.56 -13.08
N LYS A 45 -3.26 -17.22 -11.83
CA LYS A 45 -2.05 -16.50 -11.48
C LYS A 45 -1.81 -16.48 -9.99
N ILE A 46 -0.54 -16.49 -9.58
CA ILE A 46 -0.16 -16.47 -8.17
C ILE A 46 0.46 -15.10 -7.84
N VAL A 47 -0.04 -14.43 -6.80
CA VAL A 47 0.51 -13.14 -6.41
C VAL A 47 1.30 -13.23 -5.10
N GLY A 48 2.27 -12.34 -4.94
CA GLY A 48 3.07 -12.36 -3.74
C GLY A 48 2.69 -11.21 -2.82
N GLY A 49 2.27 -11.54 -1.60
CA GLY A 49 1.90 -10.50 -0.67
C GLY A 49 3.07 -10.27 0.25
N ILE A 50 2.83 -9.46 1.29
CA ILE A 50 3.83 -9.15 2.27
C ILE A 50 4.06 -10.36 3.17
N GLY A 51 3.02 -11.15 3.36
CA GLY A 51 3.13 -12.32 4.21
C GLY A 51 3.50 -13.60 3.49
N GLY A 52 3.09 -13.71 2.23
CA GLY A 52 3.35 -14.89 1.42
C GLY A 52 2.46 -14.86 0.20
N PHE A 53 2.41 -15.98 -0.53
CA PHE A 53 1.63 -16.10 -1.77
C PHE A 53 0.19 -16.61 -1.69
N ILE A 54 -0.66 -16.10 -2.56
CA ILE A 54 -2.02 -16.66 -2.65
C ILE A 54 -2.37 -16.93 -4.12
N ASN A 55 -3.42 -17.73 -4.33
CA ASN A 55 -3.90 -18.08 -5.67
C ASN A 55 -5.00 -17.16 -6.13
N THR A 56 -4.91 -16.71 -7.37
CA THR A 56 -5.89 -15.79 -7.92
C THR A 56 -6.30 -16.15 -9.35
N LEU A 57 -7.25 -15.36 -9.84
CA LEU A 57 -7.74 -15.45 -11.20
C LEU A 57 -7.54 -14.04 -11.74
N GLU A 58 -7.11 -13.89 -12.98
CA GLU A 58 -6.96 -12.54 -13.52
C GLU A 58 -7.84 -12.25 -14.73
N TYR A 59 -8.73 -11.28 -14.58
CA TYR A 59 -9.65 -10.89 -15.64
C TYR A 59 -9.15 -9.64 -16.34
N LYS A 60 -9.51 -9.51 -17.61
CA LYS A 60 -9.09 -8.37 -18.39
C LYS A 60 -10.29 -7.64 -18.95
N ASN A 61 -10.08 -6.35 -19.25
CA ASN A 61 -11.13 -5.52 -19.82
C ASN A 61 -12.33 -5.36 -18.90
N VAL A 62 -12.07 -5.32 -17.61
CA VAL A 62 -13.15 -5.19 -16.65
C VAL A 62 -13.51 -3.75 -16.38
N GLU A 63 -14.75 -3.40 -16.66
CA GLU A 63 -15.20 -2.03 -16.42
C GLU A 63 -15.38 -1.75 -14.95
N ILE A 64 -14.76 -0.68 -14.47
CA ILE A 64 -14.81 -0.28 -13.07
C ILE A 64 -15.40 1.15 -12.91
N GLU A 65 -16.14 1.39 -11.84
CA GLU A 65 -16.68 2.72 -11.57
C GLU A 65 -16.26 3.11 -10.17
N VAL A 66 -15.45 4.16 -10.07
CA VAL A 66 -14.95 4.62 -8.79
C VAL A 66 -14.83 6.15 -8.77
N LEU A 67 -15.26 6.77 -7.68
CA LEU A 67 -15.20 8.22 -7.53
C LEU A 67 -15.92 8.99 -8.64
N ASN A 68 -16.92 8.35 -9.22
CA ASN A 68 -17.71 8.90 -10.32
C ASN A 68 -16.97 8.88 -11.66
N LYS A 69 -15.99 8.01 -11.76
CA LYS A 69 -15.21 7.87 -12.97
C LYS A 69 -15.35 6.44 -13.44
N LYS A 70 -15.29 6.21 -14.74
CA LYS A 70 -15.38 4.86 -15.25
C LYS A 70 -14.10 4.57 -16.01
N VAL A 71 -13.57 3.36 -15.86
CA VAL A 71 -12.34 2.95 -16.54
C VAL A 71 -12.45 1.47 -16.94
N ARG A 72 -11.60 1.04 -17.88
CA ARG A 72 -11.56 -0.36 -18.31
C ARG A 72 -10.24 -0.91 -17.75
N ALA A 73 -10.30 -1.65 -16.66
CA ALA A 73 -9.08 -2.15 -16.03
C ALA A 73 -8.89 -3.68 -15.97
N THR A 74 -7.72 -4.09 -15.53
CA THR A 74 -7.34 -5.50 -15.35
C THR A 74 -7.39 -5.73 -13.84
N ILE A 75 -8.08 -6.77 -13.38
CA ILE A 75 -8.15 -6.98 -11.95
C ILE A 75 -8.12 -8.45 -11.52
N MET A 76 -7.53 -8.69 -10.35
CA MET A 76 -7.43 -10.04 -9.81
C MET A 76 -8.49 -10.35 -8.76
N THR A 77 -8.91 -11.61 -8.71
CA THR A 77 -9.87 -12.01 -7.70
C THR A 77 -9.32 -13.23 -6.96
N GLY A 78 -9.58 -13.30 -5.66
CA GLY A 78 -9.08 -14.41 -4.85
C GLY A 78 -9.52 -14.24 -3.41
N ASP A 79 -8.96 -15.03 -2.51
CA ASP A 79 -9.36 -14.93 -1.10
C ASP A 79 -8.42 -14.00 -0.33
N THR A 80 -8.51 -12.71 -0.65
CA THR A 80 -7.66 -11.73 0.03
C THR A 80 -8.30 -11.23 1.32
N PRO A 81 -7.51 -11.04 2.37
CA PRO A 81 -8.06 -10.55 3.64
C PRO A 81 -8.37 -9.06 3.62
N ILE A 82 -7.99 -8.38 2.55
CA ILE A 82 -8.25 -6.95 2.39
C ILE A 82 -8.37 -6.68 0.87
N ASN A 83 -9.37 -5.90 0.47
CA ASN A 83 -9.55 -5.58 -0.94
C ASN A 83 -8.73 -4.35 -1.22
N ILE A 84 -7.99 -4.36 -2.33
CA ILE A 84 -7.17 -3.21 -2.70
C ILE A 84 -7.25 -2.83 -4.19
N PHE A 85 -7.07 -1.53 -4.44
CA PHE A 85 -7.03 -0.98 -5.80
C PHE A 85 -5.63 -0.38 -5.86
N GLY A 86 -4.77 -1.02 -6.66
CA GLY A 86 -3.39 -0.60 -6.83
C GLY A 86 -3.17 0.46 -7.89
N ARG A 87 -1.89 0.79 -8.12
CA ARG A 87 -1.51 1.82 -9.06
C ARG A 87 -2.09 1.74 -10.45
N ASN A 88 -2.31 0.54 -10.95
CA ASN A 88 -2.83 0.37 -12.29
C ASN A 88 -4.15 1.11 -12.54
N ILE A 89 -5.01 1.22 -11.53
CA ILE A 89 -6.28 1.95 -11.67
C ILE A 89 -6.11 3.39 -11.18
N LEU A 90 -5.26 3.58 -10.17
CA LEU A 90 -4.99 4.91 -9.62
C LEU A 90 -4.47 5.91 -10.65
N THR A 91 -3.50 5.48 -11.47
CA THR A 91 -2.96 6.36 -12.51
C THR A 91 -4.01 6.69 -13.59
N ALA A 92 -4.89 5.75 -13.89
CA ALA A 92 -5.92 6.00 -14.89
C ALA A 92 -6.97 7.00 -14.40
N LEU A 93 -7.02 7.25 -13.09
CA LEU A 93 -7.98 8.21 -12.52
C LEU A 93 -7.33 9.58 -12.27
N GLY A 94 -6.02 9.68 -12.50
CA GLY A 94 -5.33 10.94 -12.30
C GLY A 94 -4.99 11.27 -10.88
N MET A 95 -4.91 10.25 -10.01
CA MET A 95 -4.57 10.45 -8.59
C MET A 95 -3.10 10.67 -8.36
N SER A 96 -2.77 11.48 -7.35
CA SER A 96 -1.36 11.79 -6.99
C SER A 96 -1.16 11.88 -5.48
N LEU A 97 0.10 11.78 -5.06
CA LEU A 97 0.50 11.89 -3.66
C LEU A 97 1.16 13.26 -3.54
N ASN A 98 0.58 14.15 -2.73
CA ASN A 98 1.10 15.51 -2.56
C ASN A 98 1.75 15.74 -1.21
N LEU A 99 2.58 16.77 -1.15
CA LEU A 99 3.32 17.14 0.06
C LEU A 99 3.61 18.64 -0.02
N PRO B 1 6.00 19.06 -2.96
CA PRO B 1 6.30 18.17 -4.13
C PRO B 1 5.11 17.28 -4.45
N GLN B 2 5.23 16.45 -5.48
CA GLN B 2 4.16 15.55 -5.86
C GLN B 2 4.62 14.43 -6.81
N PHE B 3 4.12 13.23 -6.55
CA PHE B 3 4.48 12.06 -7.36
C PHE B 3 3.29 11.66 -8.21
N SER B 4 3.55 11.30 -9.45
CA SER B 4 2.48 10.81 -10.33
C SER B 4 2.73 9.32 -10.13
N LEU B 5 1.69 8.54 -9.89
CA LEU B 5 1.86 7.12 -9.61
C LEU B 5 2.19 6.25 -10.82
N TRP B 6 2.76 6.83 -11.87
CA TRP B 6 3.16 6.07 -13.06
C TRP B 6 4.43 5.27 -12.75
N LYS B 7 5.14 5.70 -11.72
CA LYS B 7 6.37 5.04 -11.26
C LYS B 7 6.20 4.77 -9.80
N ARG B 8 6.73 3.63 -9.35
CA ARG B 8 6.63 3.27 -7.95
C ARG B 8 7.20 4.40 -7.14
N PRO B 9 6.41 4.91 -6.17
CA PRO B 9 6.81 6.01 -5.28
C PRO B 9 7.87 5.57 -4.27
N VAL B 10 9.12 5.50 -4.73
CA VAL B 10 10.27 5.07 -3.92
C VAL B 10 11.18 6.24 -3.59
N VAL B 11 11.63 6.34 -2.33
CA VAL B 11 12.53 7.42 -1.91
C VAL B 11 13.67 6.89 -1.05
N THR B 12 14.70 7.70 -0.86
CA THR B 12 15.83 7.33 -0.01
C THR B 12 15.55 7.91 1.37
N ALA B 13 15.76 7.10 2.40
CA ALA B 13 15.49 7.51 3.78
C ALA B 13 16.70 7.36 4.68
N TYR B 14 16.78 8.25 5.67
CA TYR B 14 17.86 8.19 6.64
C TYR B 14 17.38 7.96 8.08
N ILE B 15 17.35 6.69 8.48
CA ILE B 15 16.91 6.25 9.81
C ILE B 15 18.12 6.16 10.73
N GLU B 16 18.17 7.04 11.72
CA GLU B 16 19.29 7.07 12.68
C GLU B 16 20.65 6.96 11.99
N GLY B 17 20.80 7.62 10.83
CA GLY B 17 22.07 7.58 10.13
C GLY B 17 22.26 6.57 9.02
N GLN B 18 21.49 5.50 9.07
CA GLN B 18 21.60 4.43 8.09
C GLN B 18 20.61 4.61 6.95
N PRO B 19 21.11 4.65 5.69
CA PRO B 19 20.32 4.80 4.46
C PRO B 19 19.56 3.57 3.99
N VAL B 20 18.28 3.75 3.66
CA VAL B 20 17.40 2.66 3.18
C VAL B 20 16.48 3.22 2.07
N GLU B 21 16.17 2.41 1.06
CA GLU B 21 15.26 2.86 0.01
C GLU B 21 13.92 2.30 0.46
N VAL B 22 12.90 3.15 0.49
CA VAL B 22 11.59 2.72 0.95
C VAL B 22 10.40 3.07 0.01
N LEU B 23 9.33 2.28 0.11
CA LEU B 23 8.12 2.51 -0.70
C LEU B 23 7.09 3.21 0.18
N LEU B 24 6.45 4.24 -0.38
CA LEU B 24 5.41 4.99 0.33
C LEU B 24 4.06 4.29 0.10
N ASP B 25 3.57 3.61 1.15
CA ASP B 25 2.33 2.81 1.09
C ASP B 25 1.18 3.35 1.92
N THR B 26 0.13 3.86 1.28
CA THR B 26 -1.04 4.40 1.99
C THR B 26 -1.97 3.31 2.51
N GLY B 27 -1.76 2.09 2.06
CA GLY B 27 -2.59 1.00 2.55
C GLY B 27 -1.99 0.35 3.77
N ALA B 28 -0.82 0.80 4.21
CA ALA B 28 -0.18 0.21 5.38
C ALA B 28 -0.38 1.12 6.56
N ASP B 29 -0.76 0.54 7.69
CA ASP B 29 -0.98 1.30 8.92
C ASP B 29 0.34 1.64 9.59
N ASP B 30 1.30 0.73 9.48
CA ASP B 30 2.61 0.88 10.10
C ASP B 30 3.79 0.87 9.12
N SER B 31 5.00 0.99 9.66
CA SER B 31 6.25 1.02 8.88
C SER B 31 7.20 -0.12 9.29
N ILE B 32 7.60 -0.93 8.32
CA ILE B 32 8.47 -2.09 8.55
C ILE B 32 9.63 -1.98 7.57
N VAL B 33 10.86 -2.22 8.04
CA VAL B 33 12.06 -2.21 7.19
C VAL B 33 13.05 -3.31 7.62
N ALA B 34 13.90 -3.71 6.71
CA ALA B 34 14.87 -4.76 6.99
C ALA B 34 16.28 -4.22 6.76
N GLY B 35 17.26 -4.81 7.45
CA GLY B 35 18.65 -4.40 7.29
C GLY B 35 19.18 -3.39 8.29
N ILE B 36 18.27 -2.68 8.97
CA ILE B 36 18.61 -1.65 9.97
C ILE B 36 18.55 -2.24 11.37
N GLU B 37 19.57 -1.91 12.16
CA GLU B 37 19.72 -2.39 13.54
C GLU B 37 19.59 -1.17 14.47
N LEU B 38 18.61 -1.18 15.37
CA LEU B 38 18.36 -0.02 16.24
C LEU B 38 18.51 -0.15 17.76
N GLY B 39 19.06 -1.27 18.23
CA GLY B 39 19.25 -1.46 19.65
C GLY B 39 18.47 -2.54 20.40
N ASN B 40 18.75 -2.61 21.70
CA ASN B 40 18.15 -3.55 22.64
C ASN B 40 16.97 -2.94 23.36
N ASN B 41 16.31 -1.99 22.73
CA ASN B 41 15.15 -1.35 23.32
C ASN B 41 14.02 -1.54 22.29
N TYR B 42 13.36 -2.69 22.38
CA TYR B 42 12.29 -3.04 21.44
C TYR B 42 11.20 -3.89 22.11
N SER B 43 10.03 -3.93 21.49
CA SER B 43 8.91 -4.71 21.98
C SER B 43 8.50 -5.63 20.82
N PRO B 44 8.25 -6.91 21.09
CA PRO B 44 7.87 -7.85 20.03
C PRO B 44 6.47 -7.62 19.51
N LYS B 45 6.30 -7.69 18.20
CA LYS B 45 5.01 -7.52 17.55
C LYS B 45 4.83 -8.55 16.43
N ILE B 46 3.61 -8.66 15.94
CA ILE B 46 3.28 -9.59 14.87
C ILE B 46 2.36 -8.75 14.00
N VAL B 47 2.50 -8.83 12.69
CA VAL B 47 1.63 -8.06 11.81
C VAL B 47 1.13 -8.92 10.70
N GLY B 48 -0.10 -8.67 10.27
CA GLY B 48 -0.67 -9.45 9.19
C GLY B 48 -0.96 -8.64 7.95
N GLY B 49 -0.89 -9.31 6.82
CA GLY B 49 -1.17 -8.68 5.55
C GLY B 49 -1.57 -9.77 4.59
N ILE B 50 -1.44 -9.52 3.29
CA ILE B 50 -1.79 -10.49 2.28
C ILE B 50 -0.79 -11.65 2.27
N GLY B 51 -1.30 -12.88 2.37
CA GLY B 51 -0.44 -14.05 2.37
C GLY B 51 0.05 -14.54 3.73
N GLY B 52 -0.12 -13.73 4.77
CA GLY B 52 0.31 -14.13 6.10
C GLY B 52 0.70 -13.04 7.07
N PHE B 53 1.52 -13.44 8.04
CA PHE B 53 2.04 -12.61 9.11
C PHE B 53 3.57 -12.51 9.09
N ILE B 54 4.09 -11.44 9.72
CA ILE B 54 5.53 -11.18 9.85
C ILE B 54 5.74 -10.81 11.32
N ASN B 55 6.82 -11.33 11.95
CA ASN B 55 7.13 -11.02 13.35
C ASN B 55 8.10 -9.83 13.35
N THR B 56 7.78 -8.76 14.07
CA THR B 56 8.63 -7.56 14.11
C THR B 56 9.06 -7.13 15.51
N LEU B 57 10.04 -6.24 15.54
CA LEU B 57 10.55 -5.67 16.77
C LEU B 57 10.17 -4.19 16.66
N GLU B 58 9.32 -3.72 17.56
CA GLU B 58 8.87 -2.34 17.52
C GLU B 58 9.79 -1.39 18.31
N TYR B 59 10.21 -0.30 17.66
CA TYR B 59 11.07 0.70 18.25
C TYR B 59 10.36 2.05 18.18
N LYS B 60 10.21 2.71 19.32
CA LYS B 60 9.56 4.01 19.35
C LYS B 60 10.54 5.15 19.27
N ASN B 61 10.04 6.31 18.81
CA ASN B 61 10.81 7.56 18.68
C ASN B 61 12.14 7.51 17.92
N VAL B 62 12.13 6.88 16.74
CA VAL B 62 13.30 6.78 15.91
C VAL B 62 13.37 8.03 15.04
N GLU B 63 14.58 8.54 14.83
CA GLU B 63 14.77 9.74 14.01
C GLU B 63 14.89 9.41 12.52
N ILE B 64 13.97 9.95 11.72
CA ILE B 64 13.96 9.70 10.29
C ILE B 64 14.23 10.97 9.49
N GLU B 65 14.72 10.81 8.27
CA GLU B 65 15.05 11.92 7.41
C GLU B 65 14.67 11.60 5.96
N VAL B 66 13.55 12.14 5.50
CA VAL B 66 13.09 11.91 4.13
C VAL B 66 12.48 13.20 3.61
N LEU B 67 12.50 13.38 2.29
CA LEU B 67 11.95 14.54 1.62
C LEU B 67 12.22 15.89 2.31
N ASN B 68 13.49 16.13 2.65
CA ASN B 68 13.93 17.38 3.30
C ASN B 68 13.16 17.69 4.58
N LYS B 69 12.95 16.66 5.40
CA LYS B 69 12.20 16.80 6.64
C LYS B 69 12.77 15.87 7.67
N LYS B 70 12.67 16.27 8.93
CA LYS B 70 13.17 15.45 10.02
C LYS B 70 12.01 15.17 10.95
N VAL B 71 11.75 13.91 11.20
CA VAL B 71 10.64 13.54 12.06
C VAL B 71 11.14 12.50 13.03
N ARG B 72 10.30 12.20 14.00
CA ARG B 72 10.58 11.20 15.00
C ARG B 72 9.32 10.35 14.97
N ALA B 73 9.42 9.15 14.44
CA ALA B 73 8.27 8.23 14.35
C ALA B 73 8.66 6.83 14.86
N THR B 74 7.70 5.89 14.81
CA THR B 74 7.90 4.53 15.28
C THR B 74 8.22 3.61 14.09
N ILE B 75 9.26 2.78 14.21
CA ILE B 75 9.61 1.87 13.13
C ILE B 75 9.63 0.44 13.63
N MET B 76 9.29 -0.48 12.74
CA MET B 76 9.30 -1.91 13.01
C MET B 76 10.30 -2.59 12.09
N THR B 77 11.16 -3.41 12.66
CA THR B 77 12.11 -4.13 11.83
C THR B 77 11.60 -5.57 11.74
N GLY B 78 11.99 -6.26 10.69
CA GLY B 78 11.55 -7.62 10.52
C GLY B 78 11.95 -8.06 9.14
N ASP B 79 11.51 -9.25 8.77
CA ASP B 79 11.81 -9.86 7.49
C ASP B 79 10.71 -9.56 6.46
N THR B 80 10.76 -8.38 5.85
CA THR B 80 9.76 -7.97 4.84
C THR B 80 10.42 -8.05 3.46
N PRO B 81 9.67 -8.41 2.40
CA PRO B 81 10.32 -8.50 1.08
C PRO B 81 10.57 -7.14 0.42
N ILE B 82 10.03 -6.08 1.02
CA ILE B 82 10.15 -4.74 0.49
C ILE B 82 9.96 -3.80 1.68
N ASN B 83 10.82 -2.79 1.80
CA ASN B 83 10.75 -1.81 2.91
C ASN B 83 9.60 -0.82 2.74
N ILE B 84 8.75 -0.71 3.77
CA ILE B 84 7.56 0.13 3.71
C ILE B 84 7.47 1.30 4.70
N PHE B 85 6.89 2.41 4.25
CA PHE B 85 6.65 3.56 5.10
C PHE B 85 5.14 3.68 5.01
N GLY B 86 4.47 3.47 6.15
CA GLY B 86 3.01 3.53 6.16
C GLY B 86 2.40 4.82 6.66
N ARG B 87 1.08 4.83 6.77
CA ARG B 87 0.31 6.00 7.23
C ARG B 87 0.84 6.73 8.47
N ASN B 88 1.43 6.00 9.42
CA ASN B 88 1.96 6.68 10.61
C ASN B 88 3.01 7.70 10.27
N ILE B 89 3.86 7.40 9.28
CA ILE B 89 4.94 8.29 8.86
C ILE B 89 4.41 9.33 7.85
N LEU B 90 3.56 8.91 6.92
CA LEU B 90 3.00 9.83 5.93
C LEU B 90 2.17 10.95 6.59
N THR B 91 1.46 10.65 7.69
CA THR B 91 0.70 11.71 8.38
C THR B 91 1.67 12.72 9.03
N ALA B 92 2.77 12.21 9.59
CA ALA B 92 3.80 13.02 10.25
C ALA B 92 4.50 13.99 9.27
N LEU B 93 4.60 13.62 8.00
CA LEU B 93 5.22 14.49 7.00
C LEU B 93 4.17 15.44 6.42
N GLY B 94 2.89 15.12 6.64
CA GLY B 94 1.82 15.96 6.16
C GLY B 94 1.40 15.70 4.73
N MET B 95 1.77 14.54 4.22
CA MET B 95 1.47 14.16 2.85
C MET B 95 -0.04 13.81 2.69
N SER B 96 -0.63 14.08 1.52
CA SER B 96 -2.04 13.71 1.29
C SER B 96 -2.20 13.03 -0.08
N LEU B 97 -3.35 12.39 -0.29
CA LEU B 97 -3.67 11.67 -1.53
C LEU B 97 -4.88 12.36 -2.18
N ASN B 98 -4.65 12.97 -3.34
CA ASN B 98 -5.70 13.71 -4.01
C ASN B 98 -6.11 13.19 -5.37
N LEU B 99 -7.39 13.36 -5.67
CA LEU B 99 -7.92 12.99 -6.96
C LEU B 99 -8.29 14.34 -7.57
CA NIU C . 0.15 -4.69 1.69
CA2 NIU C . 0.26 -6.12 1.64
OA2 NIU C . -0.07 -6.78 2.56
OA3 NIU C . 0.78 -6.78 0.58
CA4 NIU C . 1.21 -5.97 -0.49
CA5 NIU C . 1.12 -4.56 -0.52
CA6 NIU C . 0.57 -3.94 0.61
OA6 NIU C . 0.41 -2.57 0.70
CB1 NIU C . 0.43 -4.25 4.24
CB2 NIU C . 1.71 -3.66 4.41
CB3 NIU C . 2.43 -3.90 5.60
CB4 NIU C . 1.89 -4.73 6.61
CB5 NIU C . 0.63 -5.31 6.43
CB6 NIU C . -0.10 -5.09 5.26
CG1 NIU C . -0.37 -3.96 2.96
CG2 NIU C . -1.91 -3.91 3.12
CG3 NIU C . -2.61 -5.24 3.41
CD1 NIU C . 1.79 -6.77 -1.67
CD2 NIU C . 3.17 -6.40 -2.21
CD3 NIU C . 3.83 -5.16 -1.56
CD4 NIU C . 3.16 -3.81 -1.86
CD5 NIU C . 1.62 -3.77 -1.71
#